data_5ETE
#
_entry.id   5ETE
#
_cell.length_a   124.740
_cell.length_b   124.740
_cell.length_c   59.060
_cell.angle_alpha   90.00
_cell.angle_beta   90.00
_cell.angle_gamma   120.00
#
_symmetry.space_group_name_H-M   'P 62 2 2'
#
loop_
_entity.id
_entity.type
_entity.pdbx_description
1 polymer Pry1p
2 non-polymer '1,4-DIETHYLENE DIOXIDE'
3 water water
#
_entity_poly.entity_id   1
_entity_poly.type   'polypeptide(L)'
_entity_poly.pdbx_seq_one_letter_code
;SASSSDSDLSDFASSVLAEHNKKRALHKDTPALSWSDTLASYAQDYADNYDCSGTLTHSGGPYGENLALGYDGPAAVDAW
YNEISNYDFSNPGFSSNTGHFTQVVWKSTTQVGCGIKTCGGAWGDYVICSYDPAGNYEGEYADNVEPLA
;
_entity_poly.pdbx_strand_id   A
#
# COMPACT_ATOMS: atom_id res chain seq x y z
N ASP A 8 -15.10 -15.51 6.37
CA ASP A 8 -13.75 -15.40 6.91
C ASP A 8 -12.73 -15.09 5.81
N LEU A 9 -11.72 -14.30 6.16
CA LEU A 9 -10.71 -13.89 5.20
C LEU A 9 -9.80 -15.07 4.83
N SER A 10 -9.30 -15.05 3.59
CA SER A 10 -8.22 -15.94 3.22
C SER A 10 -6.95 -15.64 4.05
N ASP A 11 -6.00 -16.57 3.98
CA ASP A 11 -4.72 -16.37 4.64
C ASP A 11 -3.96 -15.20 4.02
N PHE A 12 -4.06 -15.03 2.69
CA PHE A 12 -3.47 -13.87 2.04
C PHE A 12 -4.04 -12.57 2.62
N ALA A 13 -5.37 -12.46 2.65
CA ALA A 13 -5.99 -11.22 3.10
C ALA A 13 -5.67 -10.94 4.58
N SER A 14 -5.75 -11.96 5.44
CA SER A 14 -5.52 -11.69 6.86
C SER A 14 -4.06 -11.32 7.13
N SER A 15 -3.11 -11.95 6.43
CA SER A 15 -1.70 -11.61 6.68
C SER A 15 -1.35 -10.22 6.17
N VAL A 16 -1.86 -9.82 5.00
CA VAL A 16 -1.58 -8.49 4.45
C VAL A 16 -2.27 -7.40 5.28
N LEU A 17 -3.50 -7.64 5.74
CA LEU A 17 -4.20 -6.66 6.57
C LEU A 17 -3.45 -6.43 7.87
N ALA A 18 -3.05 -7.52 8.54
CA ALA A 18 -2.28 -7.42 9.77
C ALA A 18 -0.98 -6.63 9.56
N GLU A 19 -0.29 -6.84 8.44
CA GLU A 19 0.98 -6.15 8.27
C GLU A 19 0.74 -4.63 8.12
N HIS A 20 -0.35 -4.23 7.44
CA HIS A 20 -0.69 -2.81 7.36
C HIS A 20 -0.96 -2.25 8.77
N ASN A 21 -1.81 -2.94 9.53
CA ASN A 21 -2.30 -2.37 10.78
C ASN A 21 -1.28 -2.45 11.91
N LYS A 22 -0.30 -3.36 11.83
CA LYS A 22 0.85 -3.34 12.75
C LYS A 22 1.64 -2.05 12.62
N LYS A 23 1.82 -1.58 11.38
CA LYS A 23 2.58 -0.35 11.13
C LYS A 23 1.77 0.89 11.46
N ARG A 24 0.49 0.94 11.05
CA ARG A 24 -0.32 2.11 11.35
C ARG A 24 -0.41 2.36 12.85
N ALA A 25 -0.41 1.29 13.66
CA ALA A 25 -0.55 1.46 15.11
C ALA A 25 0.68 2.12 15.73
N LEU A 26 1.79 2.19 14.99
CA LEU A 26 2.96 2.91 15.47
C LEU A 26 2.76 4.42 15.46
N HIS A 27 1.74 4.94 14.76
CA HIS A 27 1.53 6.37 14.55
C HIS A 27 0.32 6.92 15.32
N LYS A 28 0.46 8.16 15.80
CA LYS A 28 -0.57 8.82 16.62
C LYS A 28 -1.84 9.04 15.80
N ASP A 29 -2.99 8.85 16.44
CA ASP A 29 -4.28 9.23 15.86
C ASP A 29 -4.50 8.63 14.46
N THR A 30 -4.03 7.40 14.24
CA THR A 30 -4.11 6.74 12.94
C THR A 30 -4.94 5.45 13.01
N PRO A 31 -6.21 5.46 12.58
CA PRO A 31 -7.07 4.27 12.73
C PRO A 31 -6.63 3.09 11.89
N ALA A 32 -6.99 1.89 12.36
CA ALA A 32 -6.76 0.68 11.59
C ALA A 32 -7.64 0.62 10.34
N LEU A 33 -7.13 -0.03 9.31
CA LEU A 33 -7.89 -0.32 8.09
C LEU A 33 -8.71 -1.61 8.24
N SER A 34 -9.77 -1.70 7.43
CA SER A 34 -10.48 -2.95 7.22
C SER A 34 -10.34 -3.40 5.77
N TRP A 35 -10.50 -4.71 5.55
CA TRP A 35 -10.35 -5.32 4.22
C TRP A 35 -11.64 -5.19 3.41
N SER A 36 -11.51 -4.89 2.11
CA SER A 36 -12.67 -4.74 1.23
C SER A 36 -12.60 -5.75 0.08
N ASP A 37 -13.63 -6.60 -0.03
CA ASP A 37 -13.72 -7.52 -1.17
C ASP A 37 -13.78 -6.77 -2.50
N THR A 38 -14.43 -5.61 -2.51
CA THR A 38 -14.49 -4.79 -3.72
C THR A 38 -13.09 -4.33 -4.15
N LEU A 39 -12.29 -3.81 -3.21
CA LEU A 39 -10.94 -3.37 -3.55
C LEU A 39 -10.07 -4.55 -4.00
N ALA A 40 -10.24 -5.71 -3.35
CA ALA A 40 -9.40 -6.87 -3.65
C ALA A 40 -9.74 -7.48 -5.01
N SER A 41 -11.00 -7.42 -5.43
CA SER A 41 -11.36 -7.91 -6.77
C SER A 41 -10.76 -7.01 -7.85
N TYR A 42 -10.80 -5.69 -7.63
CA TYR A 42 -10.15 -4.76 -8.54
C TYR A 42 -8.65 -5.05 -8.62
N ALA A 43 -8.00 -5.19 -7.46
CA ALA A 43 -6.55 -5.41 -7.44
C ALA A 43 -6.17 -6.72 -8.14
N GLN A 44 -6.86 -7.82 -7.79
CA GLN A 44 -6.51 -9.12 -8.35
C GLN A 44 -6.78 -9.18 -9.85
N ASP A 45 -7.87 -8.55 -10.30
CA ASP A 45 -8.11 -8.45 -11.75
C ASP A 45 -6.92 -7.81 -12.45
N TYR A 46 -6.35 -6.75 -11.88
CA TYR A 46 -5.21 -6.07 -12.53
C TYR A 46 -3.96 -6.94 -12.49
N ALA A 47 -3.74 -7.64 -11.37
CA ALA A 47 -2.58 -8.52 -11.27
C ALA A 47 -2.68 -9.67 -12.27
N ASP A 48 -3.88 -10.27 -12.40
CA ASP A 48 -4.12 -11.32 -13.40
C ASP A 48 -3.61 -10.91 -14.79
N ASN A 49 -3.62 -9.62 -15.09
CA ASN A 49 -3.23 -9.11 -16.40
C ASN A 49 -1.78 -8.63 -16.49
N TYR A 50 -0.95 -8.76 -15.44
CA TYR A 50 0.43 -8.28 -15.53
C TYR A 50 1.24 -9.15 -16.50
N ASP A 51 2.10 -8.50 -17.30
CA ASP A 51 2.88 -9.15 -18.37
C ASP A 51 4.22 -9.70 -17.90
N CYS A 52 4.53 -9.64 -16.60
CA CYS A 52 5.76 -10.22 -16.06
C CYS A 52 6.98 -9.73 -16.84
N SER A 53 6.96 -8.45 -17.22
CA SER A 53 8.05 -7.81 -17.95
C SER A 53 9.10 -7.14 -17.06
N GLY A 54 8.76 -6.84 -15.79
CA GLY A 54 9.67 -6.12 -14.92
C GLY A 54 9.36 -4.64 -14.75
N THR A 55 8.45 -4.09 -15.53
CA THR A 55 8.07 -2.70 -15.40
C THR A 55 6.80 -2.58 -14.55
N LEU A 56 6.69 -1.46 -13.84
CA LEU A 56 5.54 -1.18 -12.99
C LEU A 56 4.81 0.05 -13.53
N THR A 57 3.61 -0.18 -14.04
CA THR A 57 2.75 0.87 -14.57
C THR A 57 1.46 0.91 -13.74
N HIS A 58 1.08 2.11 -13.32
CA HIS A 58 -0.13 2.31 -12.52
C HIS A 58 -1.37 2.08 -13.37
N SER A 59 -2.47 1.71 -12.71
CA SER A 59 -3.68 1.30 -13.42
C SER A 59 -4.51 2.46 -13.92
N GLY A 60 -4.33 3.67 -13.39
CA GLY A 60 -5.21 4.77 -13.76
C GLY A 60 -6.61 4.74 -13.16
N GLY A 61 -6.86 3.90 -12.15
CA GLY A 61 -8.19 3.69 -11.62
C GLY A 61 -8.67 4.72 -10.59
N PRO A 62 -9.80 4.45 -9.95
CA PRO A 62 -10.38 5.40 -8.99
C PRO A 62 -9.87 5.29 -7.56
N TYR A 63 -8.92 4.40 -7.27
CA TYR A 63 -8.45 4.13 -5.92
C TYR A 63 -6.99 4.52 -5.76
N GLY A 64 -6.55 4.72 -4.52
CA GLY A 64 -5.13 4.75 -4.25
C GLY A 64 -4.46 3.44 -4.64
N GLU A 65 -3.12 3.45 -4.73
CA GLU A 65 -2.41 2.31 -5.32
C GLU A 65 -0.94 2.23 -4.89
N ASN A 66 -0.53 1.08 -4.35
CA ASN A 66 0.87 0.75 -4.15
C ASN A 66 1.20 -0.54 -4.93
N LEU A 67 2.36 -0.55 -5.63
CA LEU A 67 2.84 -1.68 -6.42
C LEU A 67 4.23 -2.14 -5.97
N ALA A 68 4.53 -3.44 -6.12
CA ALA A 68 5.84 -4.01 -5.80
C ALA A 68 6.14 -5.22 -6.68
N LEU A 69 7.43 -5.50 -6.87
CA LEU A 69 7.89 -6.67 -7.61
C LEU A 69 9.07 -7.33 -6.87
N GLY A 70 8.96 -8.63 -6.60
CA GLY A 70 10.00 -9.34 -5.88
C GLY A 70 9.67 -9.70 -4.44
N TYR A 71 8.45 -9.40 -3.97
CA TYR A 71 8.07 -9.64 -2.58
C TYR A 71 6.71 -10.35 -2.50
N ASP A 72 6.51 -11.16 -1.46
CA ASP A 72 5.14 -11.61 -1.17
C ASP A 72 4.37 -10.47 -0.49
N GLY A 73 3.11 -10.71 -0.16
CA GLY A 73 2.23 -9.65 0.29
C GLY A 73 2.75 -8.86 1.49
N PRO A 74 2.97 -9.56 2.60
CA PRO A 74 3.47 -8.86 3.80
C PRO A 74 4.86 -8.27 3.61
N ALA A 75 5.72 -8.94 2.85
CA ALA A 75 7.05 -8.40 2.60
C ALA A 75 6.98 -7.12 1.78
N ALA A 76 6.01 -6.99 0.86
CA ALA A 76 5.84 -5.75 0.13
C ALA A 76 5.43 -4.61 1.06
N VAL A 77 4.50 -4.89 1.97
CA VAL A 77 4.08 -3.87 2.91
C VAL A 77 5.28 -3.36 3.71
N ASP A 78 6.16 -4.28 4.14
CA ASP A 78 7.33 -3.88 4.91
C ASP A 78 8.26 -2.98 4.11
N ALA A 79 8.48 -3.30 2.83
CA ALA A 79 9.32 -2.44 1.99
C ALA A 79 8.71 -1.05 1.84
N TRP A 80 7.41 -0.99 1.53
CA TRP A 80 6.73 0.29 1.43
C TRP A 80 6.90 1.11 2.72
N TYR A 81 6.63 0.51 3.86
CA TYR A 81 6.68 1.25 5.12
C TYR A 81 8.11 1.72 5.47
N ASN A 82 9.14 0.97 5.07
CA ASN A 82 10.52 1.36 5.43
C ASN A 82 10.92 2.72 4.84
N GLU A 83 10.20 3.22 3.84
CA GLU A 83 10.45 4.58 3.33
C GLU A 83 10.34 5.65 4.40
N ILE A 84 9.79 5.35 5.58
CA ILE A 84 9.71 6.36 6.62
C ILE A 84 11.09 6.96 6.88
N SER A 85 12.14 6.17 6.66
CA SER A 85 13.48 6.63 6.95
C SER A 85 13.85 7.87 6.11
N ASN A 86 13.25 8.05 4.93
CA ASN A 86 13.54 9.22 4.09
C ASN A 86 12.65 10.43 4.36
N TYR A 87 11.63 10.32 5.22
CA TYR A 87 10.57 11.32 5.29
C TYR A 87 10.93 12.39 6.30
N ASP A 88 10.84 13.65 5.88
CA ASP A 88 11.11 14.82 6.73
C ASP A 88 9.77 15.36 7.28
N PHE A 89 9.52 15.09 8.56
CA PHE A 89 8.29 15.53 9.21
C PHE A 89 8.19 17.06 9.34
N SER A 90 9.30 17.78 9.25
CA SER A 90 9.24 19.24 9.31
C SER A 90 9.10 19.88 7.93
N ASN A 91 9.09 19.08 6.84
CA ASN A 91 8.74 19.56 5.49
C ASN A 91 7.83 18.58 4.79
N PRO A 92 6.62 18.37 5.29
CA PRO A 92 5.75 17.30 4.76
C PRO A 92 5.41 17.49 3.29
N GLY A 93 5.17 16.37 2.60
CA GLY A 93 4.75 16.40 1.21
C GLY A 93 5.15 15.14 0.44
N PHE A 94 4.95 15.20 -0.88
CA PHE A 94 5.29 14.07 -1.75
C PHE A 94 6.79 13.99 -2.02
N SER A 95 7.28 12.76 -2.21
CA SER A 95 8.59 12.54 -2.85
C SER A 95 8.59 11.14 -3.46
N SER A 96 9.51 10.93 -4.39
CA SER A 96 9.51 9.66 -5.13
C SER A 96 9.82 8.48 -4.22
N ASN A 97 10.56 8.69 -3.12
CA ASN A 97 10.94 7.58 -2.25
C ASN A 97 10.29 7.66 -0.85
N THR A 98 9.16 8.37 -0.72
CA THR A 98 8.32 8.27 0.46
C THR A 98 6.82 8.09 0.17
N GLY A 99 6.41 7.99 -1.10
CA GLY A 99 4.99 7.97 -1.49
C GLY A 99 4.26 6.70 -1.14
N HIS A 100 4.97 5.58 -1.00
CA HIS A 100 4.38 4.32 -0.57
C HIS A 100 4.11 4.35 0.94
N PHE A 101 5.10 4.77 1.73
CA PHE A 101 4.92 4.98 3.17
C PHE A 101 3.73 5.90 3.49
N THR A 102 3.62 7.07 2.80
CA THR A 102 2.55 8.01 3.19
C THR A 102 1.15 7.45 2.84
N GLN A 103 1.04 6.57 1.86
CA GLN A 103 -0.23 5.90 1.58
C GLN A 103 -0.51 4.79 2.60
N VAL A 104 0.51 4.06 3.06
CA VAL A 104 0.27 3.03 4.08
C VAL A 104 -0.33 3.63 5.34
N VAL A 105 0.13 4.82 5.77
CA VAL A 105 -0.30 5.42 7.05
C VAL A 105 -1.33 6.54 6.87
N TRP A 106 -1.82 6.81 5.66
CA TRP A 106 -2.70 7.93 5.40
C TRP A 106 -3.92 7.87 6.33
N LYS A 107 -4.05 8.88 7.18
CA LYS A 107 -5.08 8.85 8.22
C LYS A 107 -6.47 8.64 7.65
N SER A 108 -6.81 9.34 6.58
CA SER A 108 -8.18 9.36 6.04
C SER A 108 -8.55 8.12 5.21
N THR A 109 -7.58 7.28 4.86
CA THR A 109 -7.87 6.02 4.17
C THR A 109 -8.49 5.04 5.18
N THR A 110 -9.58 4.35 4.79
CA THR A 110 -10.30 3.45 5.71
C THR A 110 -10.31 1.99 5.29
N GLN A 111 -10.10 1.67 4.00
CA GLN A 111 -10.15 0.30 3.52
C GLN A 111 -9.01 0.03 2.54
N VAL A 112 -8.61 -1.25 2.47
CA VAL A 112 -7.58 -1.75 1.55
C VAL A 112 -8.01 -3.11 1.02
N GLY A 113 -7.57 -3.41 -0.19
CA GLY A 113 -7.70 -4.75 -0.75
C GLY A 113 -6.61 -4.99 -1.79
N CYS A 114 -6.07 -6.20 -1.88
CA CYS A 114 -4.86 -6.47 -2.65
C CYS A 114 -4.98 -7.73 -3.51
N GLY A 115 -4.04 -7.85 -4.46
CA GLY A 115 -3.93 -9.02 -5.30
C GLY A 115 -2.47 -9.37 -5.57
N ILE A 116 -2.24 -10.59 -6.07
CA ILE A 116 -0.88 -11.11 -6.27
C ILE A 116 -0.82 -12.05 -7.48
N LYS A 117 0.33 -12.03 -8.17
CA LYS A 117 0.61 -12.97 -9.25
C LYS A 117 2.06 -13.42 -9.21
N THR A 118 2.29 -14.72 -9.34
CA THR A 118 3.64 -15.30 -9.25
C THR A 118 4.25 -15.34 -10.64
N CYS A 119 5.17 -14.41 -10.91
CA CYS A 119 5.87 -14.41 -12.19
C CYS A 119 7.03 -15.40 -12.21
N GLY A 120 7.59 -15.74 -11.06
CA GLY A 120 8.82 -16.51 -10.97
C GLY A 120 9.92 -15.88 -11.80
N GLY A 121 10.84 -16.72 -12.28
CA GLY A 121 11.88 -16.24 -13.18
C GLY A 121 12.74 -15.16 -12.55
N ALA A 122 13.00 -14.10 -13.31
CA ALA A 122 13.86 -13.02 -12.84
C ALA A 122 13.18 -12.10 -11.84
N TRP A 123 11.84 -12.14 -11.75
CA TRP A 123 11.07 -11.09 -11.09
C TRP A 123 10.36 -11.51 -9.81
N GLY A 124 9.99 -12.77 -9.66
CA GLY A 124 9.28 -13.16 -8.47
C GLY A 124 7.84 -12.63 -8.50
N ASP A 125 7.32 -12.32 -7.32
CA ASP A 125 5.89 -12.00 -7.17
C ASP A 125 5.59 -10.53 -7.51
N TYR A 126 4.47 -10.33 -8.20
CA TYR A 126 3.86 -9.01 -8.40
C TYR A 126 2.74 -8.81 -7.38
N VAL A 127 2.75 -7.67 -6.70
CA VAL A 127 1.75 -7.37 -5.67
C VAL A 127 1.20 -5.97 -5.95
N ILE A 128 -0.13 -5.83 -5.88
CA ILE A 128 -0.81 -4.54 -5.94
C ILE A 128 -1.79 -4.43 -4.77
N CYS A 129 -1.74 -3.31 -4.06
CA CYS A 129 -2.73 -2.98 -3.03
C CYS A 129 -3.50 -1.74 -3.48
N SER A 130 -4.82 -1.78 -3.35
CA SER A 130 -5.72 -0.67 -3.67
C SER A 130 -6.35 -0.10 -2.39
N TYR A 131 -6.49 1.24 -2.31
CA TYR A 131 -6.86 1.97 -1.09
C TYR A 131 -8.01 2.95 -1.33
N ASP A 132 -8.89 3.11 -0.33
CA ASP A 132 -10.03 4.06 -0.43
C ASP A 132 -10.44 4.62 0.93
N PRO A 133 -10.63 5.95 1.05
CA PRO A 133 -10.22 6.99 0.10
C PRO A 133 -8.71 6.96 -0.21
N ALA A 134 -8.32 7.52 -1.36
CA ALA A 134 -6.91 7.54 -1.74
C ALA A 134 -6.11 8.47 -0.84
N GLY A 135 -4.80 8.18 -0.70
CA GLY A 135 -3.89 9.06 0.01
C GLY A 135 -3.12 9.96 -0.96
N ASN A 136 -2.13 10.66 -0.41
CA ASN A 136 -1.20 11.51 -1.19
C ASN A 136 -1.90 12.61 -2.01
N TYR A 137 -2.80 13.35 -1.36
CA TYR A 137 -3.35 14.58 -1.93
C TYR A 137 -2.51 15.79 -1.51
N GLU A 138 -2.19 16.64 -2.49
CA GLU A 138 -1.37 17.83 -2.26
C GLU A 138 -2.03 18.75 -1.25
N GLY A 139 -1.23 19.27 -0.30
CA GLY A 139 -1.74 20.14 0.72
C GLY A 139 -2.37 19.47 1.91
N GLU A 140 -2.46 18.13 1.91
CA GLU A 140 -3.13 17.37 2.97
C GLU A 140 -2.17 16.50 3.80
N TYR A 141 -0.86 16.53 3.53
CA TYR A 141 0.06 15.59 4.17
C TYR A 141 0.14 15.81 5.67
N ALA A 142 0.30 17.05 6.12
CA ALA A 142 0.45 17.31 7.55
C ALA A 142 -0.75 16.83 8.35
N ASP A 143 -1.95 16.88 7.76
CA ASP A 143 -3.14 16.40 8.43
C ASP A 143 -3.34 14.88 8.36
N ASN A 144 -2.61 14.16 7.46
CA ASN A 144 -2.84 12.72 7.30
C ASN A 144 -1.64 11.84 7.56
N VAL A 145 -0.44 12.40 7.80
CA VAL A 145 0.78 11.63 8.04
C VAL A 145 1.32 12.11 9.38
N GLU A 146 1.00 11.38 10.43
CA GLU A 146 1.26 11.73 11.83
C GLU A 146 2.58 11.15 12.32
N PRO A 147 3.21 11.80 13.31
CA PRO A 147 4.46 11.25 13.86
C PRO A 147 4.24 10.01 14.72
N LEU A 148 5.37 9.39 15.08
CA LEU A 148 5.37 8.17 15.89
C LEU A 148 4.85 8.45 17.30
N ALA A 149 4.08 7.49 17.82
CA ALA A 149 3.60 7.53 19.20
C ALA A 149 4.69 7.04 20.13
#